data_7R5N
#
_entry.id   7R5N
#
_cell.length_a   148.698
_cell.length_b   148.698
_cell.length_c   200.802
_cell.angle_alpha   90.000
_cell.angle_beta   90.000
_cell.angle_gamma   90.000
#
_symmetry.space_group_name_H-M   'I 41 2 2'
#
loop_
_entity.id
_entity.type
_entity.pdbx_description
1 polymer 'Sensory box protein'
2 non-polymer 'FLAVIN MONONUCLEOTIDE'
#
_entity_poly.entity_id   1
_entity_poly.type   'polypeptide(L)'
_entity_poly.pdbx_seq_one_letter_code
;MGSSHHHHHHSSGLVPRGSHMINAHLLQRMINASNDGIVVAEQEGEDNIVIYVNPAFERLTGYSADEVLYQDCRFLQSGD
RDQPGLEVIRQALRQGRPCREVLRNYRKDGSHFWNELSITPVFNDSDQLTYFIGVQKDVSVQVKAQQRLLQLEQQLAEVQ
AELAALKATSGH
;
_entity_poly.pdbx_strand_id   A,B
#
# COMPACT_ATOMS: atom_id res chain seq x y z
N MET A 21 3.59 -16.22 -19.14
CA MET A 21 2.48 -16.84 -19.88
C MET A 21 1.20 -16.01 -19.85
N ILE A 22 1.31 -14.69 -19.91
CA ILE A 22 0.15 -13.81 -19.84
C ILE A 22 0.24 -12.74 -20.92
N ASN A 23 -0.92 -12.16 -21.24
CA ASN A 23 -1.08 -11.19 -22.31
C ASN A 23 -0.69 -9.79 -21.85
N ALA A 24 -0.47 -8.91 -22.83
CA ALA A 24 -0.09 -7.53 -22.53
C ALA A 24 -1.27 -6.75 -21.97
N HIS A 25 -2.45 -6.87 -22.60
CA HIS A 25 -3.65 -6.22 -22.09
C HIS A 25 -3.95 -6.66 -20.66
N LEU A 26 -3.61 -7.90 -20.32
CA LEU A 26 -3.76 -8.36 -18.95
C LEU A 26 -2.85 -7.59 -18.00
N LEU A 27 -1.59 -7.38 -18.41
CA LEU A 27 -0.67 -6.59 -17.59
C LEU A 27 -1.20 -5.18 -17.40
N GLN A 28 -1.75 -4.59 -18.47
CA GLN A 28 -2.25 -3.23 -18.37
C GLN A 28 -3.45 -3.15 -17.44
N ARG A 29 -4.40 -4.09 -17.57
CA ARG A 29 -5.55 -4.11 -16.67
C ARG A 29 -5.12 -4.39 -15.22
N MET A 30 -3.98 -5.04 -15.02
CA MET A 30 -3.42 -5.13 -13.66
C MET A 30 -2.97 -3.77 -13.17
N ILE A 31 -2.14 -3.08 -13.97
CA ILE A 31 -1.60 -1.79 -13.56
C ILE A 31 -2.71 -0.79 -13.27
N ASN A 32 -3.83 -0.88 -13.99
CA ASN A 32 -4.96 0.00 -13.70
C ASN A 32 -5.55 -0.30 -12.32
N ALA A 33 -5.58 -1.58 -11.94
CA ALA A 33 -6.17 -2.02 -10.68
C ALA A 33 -5.33 -1.73 -9.44
N SER A 34 -4.15 -1.11 -9.59
CA SER A 34 -3.30 -0.87 -8.43
C SER A 34 -3.94 0.13 -7.48
N ASN A 35 -3.79 -0.12 -6.17
CA ASN A 35 -4.21 0.86 -5.18
C ASN A 35 -3.23 2.01 -5.10
N ASP A 36 -1.95 1.71 -4.89
CA ASP A 36 -0.92 2.73 -4.88
C ASP A 36 -0.67 3.23 -6.30
N GLY A 37 -0.29 4.50 -6.42
CA GLY A 37 -0.09 5.09 -7.73
C GLY A 37 1.27 4.73 -8.28
N ILE A 38 1.37 4.67 -9.61
CA ILE A 38 2.58 4.22 -10.29
C ILE A 38 2.94 5.19 -11.39
N VAL A 39 4.22 5.53 -11.49
CA VAL A 39 4.73 6.44 -12.52
C VAL A 39 6.00 5.86 -13.13
N VAL A 40 6.23 6.18 -14.41
CA VAL A 40 7.43 5.78 -15.12
C VAL A 40 8.05 7.01 -15.77
N ALA A 41 9.33 7.25 -15.47
CA ALA A 41 10.03 8.45 -15.92
C ALA A 41 11.37 8.09 -16.57
N GLU A 42 11.74 8.88 -17.57
CA GLU A 42 13.05 8.82 -18.19
C GLU A 42 13.93 9.90 -17.59
N GLN A 43 15.10 9.49 -17.11
CA GLN A 43 16.07 10.48 -16.64
C GLN A 43 16.62 11.19 -17.86
N GLU A 44 16.11 12.38 -18.14
CA GLU A 44 16.42 13.10 -19.37
C GLU A 44 17.35 14.30 -19.14
N GLY A 45 17.39 14.84 -17.94
CA GLY A 45 18.31 15.90 -17.58
C GLY A 45 18.59 15.80 -16.09
N GLU A 46 18.57 16.95 -15.40
CA GLU A 46 18.54 16.92 -13.95
C GLU A 46 17.20 16.40 -13.47
N ASP A 47 16.13 16.73 -14.19
CA ASP A 47 14.79 16.27 -13.87
C ASP A 47 14.62 14.82 -14.32
N ASN A 48 13.51 14.24 -13.92
CA ASN A 48 13.09 12.93 -14.41
C ASN A 48 11.72 13.12 -15.07
N ILE A 49 11.74 13.27 -16.39
CA ILE A 49 10.52 13.58 -17.13
C ILE A 49 9.62 12.36 -17.12
N VAL A 50 8.36 12.55 -16.74
CA VAL A 50 7.42 11.44 -16.60
C VAL A 50 6.87 11.09 -17.96
N ILE A 51 6.95 9.82 -18.32
CA ILE A 51 6.35 9.34 -19.56
C ILE A 51 5.09 8.50 -19.32
N TYR A 52 4.83 8.07 -18.09
CA TYR A 52 3.59 7.35 -17.86
C TYR A 52 3.10 7.54 -16.43
N VAL A 53 1.78 7.55 -16.28
CA VAL A 53 1.09 7.66 -14.99
C VAL A 53 -0.10 6.71 -15.02
N ASN A 54 -0.36 6.02 -13.90
CA ASN A 54 -1.51 5.13 -13.86
C ASN A 54 -2.71 5.82 -13.24
N PRO A 55 -3.92 5.27 -13.40
CA PRO A 55 -5.10 5.96 -12.86
C PRO A 55 -5.07 6.20 -11.35
N ALA A 56 -4.48 5.29 -10.57
CA ALA A 56 -4.39 5.52 -9.13
C ALA A 56 -3.63 6.80 -8.82
N PHE A 57 -2.62 7.13 -9.63
CA PHE A 57 -1.91 8.39 -9.47
C PHE A 57 -2.83 9.58 -9.67
N GLU A 58 -3.62 9.55 -10.75
CA GLU A 58 -4.61 10.58 -10.99
C GLU A 58 -5.54 10.75 -9.80
N ARG A 59 -5.99 9.63 -9.23
CA ARG A 59 -6.94 9.70 -8.11
C ARG A 59 -6.30 10.30 -6.87
N LEU A 60 -5.07 9.89 -6.57
CA LEU A 60 -4.44 10.35 -5.33
C LEU A 60 -4.04 11.82 -5.44
N THR A 61 -3.39 12.20 -6.53
CA THR A 61 -2.91 13.57 -6.64
C THR A 61 -3.97 14.53 -7.14
N GLY A 62 -5.03 14.02 -7.78
CA GLY A 62 -6.02 14.85 -8.42
C GLY A 62 -5.57 15.43 -9.74
N TYR A 63 -4.30 15.29 -10.10
CA TYR A 63 -3.78 15.83 -11.35
C TYR A 63 -4.12 14.91 -12.52
N SER A 64 -4.47 15.53 -13.65
CA SER A 64 -4.83 14.80 -14.86
C SER A 64 -3.57 14.23 -15.52
N ALA A 65 -3.66 12.99 -15.99
CA ALA A 65 -2.51 12.34 -16.61
C ALA A 65 -1.92 13.19 -17.75
N ASP A 66 -2.79 13.85 -18.52
CA ASP A 66 -2.29 14.72 -19.58
C ASP A 66 -1.57 15.95 -19.02
N GLU A 67 -1.94 16.38 -17.81
CA GLU A 67 -1.26 17.52 -17.19
C GLU A 67 0.16 17.15 -16.76
N VAL A 68 0.36 15.93 -16.25
CA VAL A 68 1.62 15.56 -15.63
C VAL A 68 2.69 15.25 -16.69
N LEU A 69 2.28 14.65 -17.81
CA LEU A 69 3.22 14.04 -18.75
C LEU A 69 4.33 15.00 -19.15
N TYR A 70 5.52 14.43 -19.35
CA TYR A 70 6.72 15.16 -19.77
C TYR A 70 7.07 16.27 -18.77
N GLN A 71 7.10 15.92 -17.49
CA GLN A 71 7.52 16.84 -16.44
C GLN A 71 8.14 16.03 -15.30
N ASP A 72 8.66 16.74 -14.31
CA ASP A 72 9.16 16.09 -13.10
C ASP A 72 8.15 16.26 -11.98
N CYS A 73 8.14 15.27 -11.08
CA CYS A 73 7.14 15.24 -10.02
C CYS A 73 7.38 16.26 -8.92
N ARG A 74 8.49 17.00 -8.96
CA ARG A 74 8.78 17.93 -7.88
C ARG A 74 7.67 18.95 -7.65
N PHE A 75 6.73 19.10 -8.59
CA PHE A 75 5.63 20.04 -8.38
C PHE A 75 4.69 19.61 -7.25
N LEU A 76 4.70 18.33 -6.85
CA LEU A 76 3.88 17.93 -5.72
C LEU A 76 4.33 18.60 -4.43
N GLN A 77 5.58 19.04 -4.37
CA GLN A 77 6.05 19.88 -3.26
C GLN A 77 5.77 21.32 -3.68
N SER A 78 4.52 21.74 -3.46
CA SER A 78 4.09 23.03 -4.00
C SER A 78 4.85 24.17 -3.34
N GLY A 79 5.04 24.12 -2.03
CA GLY A 79 5.85 25.09 -1.34
C GLY A 79 6.76 24.45 -0.33
N ASP A 80 6.56 23.16 -0.08
CA ASP A 80 7.26 22.41 0.96
C ASP A 80 8.55 21.76 0.47
N ARG A 81 9.39 22.55 -0.20
CA ARG A 81 10.72 22.05 -0.52
C ARG A 81 11.53 21.93 0.78
N ASP A 82 12.74 21.37 0.66
CA ASP A 82 13.74 21.25 1.73
C ASP A 82 13.45 20.12 2.72
N GLN A 83 12.43 19.30 2.48
CA GLN A 83 12.30 18.07 3.24
C GLN A 83 13.51 17.18 2.95
N PRO A 84 14.13 16.57 3.97
CA PRO A 84 15.42 15.88 3.75
C PRO A 84 15.31 14.64 2.87
N GLY A 85 14.13 14.01 2.81
CA GLY A 85 13.95 12.89 1.90
C GLY A 85 14.26 13.28 0.48
N LEU A 86 14.11 14.56 0.15
CA LEU A 86 14.49 15.04 -1.18
C LEU A 86 15.97 14.80 -1.44
N GLU A 87 16.83 15.17 -0.49
CA GLU A 87 18.26 14.92 -0.64
C GLU A 87 18.56 13.44 -0.71
N VAL A 88 17.90 12.63 0.14
CA VAL A 88 18.06 11.18 0.06
C VAL A 88 17.77 10.69 -1.37
N ILE A 89 16.63 11.11 -1.91
CA ILE A 89 16.25 10.74 -3.28
C ILE A 89 17.26 11.24 -4.29
N ARG A 90 17.78 12.45 -4.11
CA ARG A 90 18.81 12.96 -5.01
C ARG A 90 20.00 12.01 -5.07
N GLN A 91 20.50 11.60 -3.89
CA GLN A 91 21.63 10.67 -3.85
C GLN A 91 21.28 9.34 -4.49
N ALA A 92 20.08 8.81 -4.20
CA ALA A 92 19.68 7.52 -4.76
C ALA A 92 19.59 7.58 -6.29
N LEU A 93 19.04 8.68 -6.82
CA LEU A 93 18.94 8.84 -8.27
C LEU A 93 20.31 9.04 -8.90
N ARG A 94 21.25 9.65 -8.17
CA ARG A 94 22.59 9.81 -8.70
C ARG A 94 23.30 8.47 -8.79
N GLN A 95 23.16 7.63 -7.77
CA GLN A 95 23.89 6.35 -7.74
C GLN A 95 23.18 5.26 -8.53
N GLY A 96 22.00 5.52 -9.08
CA GLY A 96 21.28 4.50 -9.82
C GLY A 96 20.74 3.38 -8.94
N ARG A 97 20.52 3.66 -7.65
CA ARG A 97 20.06 2.76 -6.61
C ARG A 97 18.61 3.07 -6.24
N PRO A 98 17.81 2.06 -5.86
CA PRO A 98 16.44 2.33 -5.43
C PRO A 98 16.36 3.11 -4.13
N CYS A 99 15.15 3.49 -3.72
CA CYS A 99 14.95 4.31 -2.54
C CYS A 99 13.50 4.23 -2.11
N ARG A 100 13.26 4.66 -0.86
CA ARG A 100 11.91 4.76 -0.30
C ARG A 100 11.93 5.84 0.77
N GLU A 101 11.07 6.84 0.62
CA GLU A 101 11.04 7.96 1.57
C GLU A 101 9.62 8.49 1.67
N VAL A 102 9.34 9.17 2.79
CA VAL A 102 8.02 9.74 3.04
C VAL A 102 8.11 11.25 2.90
N LEU A 103 7.26 11.81 2.05
CA LEU A 103 7.24 13.24 1.77
C LEU A 103 5.86 13.80 2.07
N ARG A 104 5.78 15.13 2.18
CA ARG A 104 4.52 15.84 2.24
C ARG A 104 4.27 16.45 0.87
N ASN A 105 3.21 16.01 0.21
CA ASN A 105 2.86 16.49 -1.12
C ASN A 105 1.52 17.20 -1.08
N TYR A 106 1.21 17.88 -2.18
CA TYR A 106 0.02 18.72 -2.26
C TYR A 106 -0.70 18.46 -3.58
N ARG A 107 -1.99 18.18 -3.47
CA ARG A 107 -2.81 17.86 -4.64
C ARG A 107 -3.12 19.13 -5.44
N LYS A 108 -3.94 18.97 -6.48
CA LYS A 108 -4.40 20.13 -7.25
C LYS A 108 -5.13 21.11 -6.37
N ASP A 109 -6.10 20.63 -5.60
CA ASP A 109 -6.87 21.45 -4.66
C ASP A 109 -6.07 21.83 -3.43
N GLY A 110 -4.77 21.57 -3.39
CA GLY A 110 -3.95 21.97 -2.27
C GLY A 110 -4.01 21.06 -1.07
N SER A 111 -4.70 19.92 -1.17
CA SER A 111 -4.79 19.00 -0.05
C SER A 111 -3.41 18.44 0.26
N HIS A 112 -2.99 18.60 1.51
CA HIS A 112 -1.71 18.05 1.98
C HIS A 112 -1.88 16.57 2.30
N PHE A 113 -0.96 15.75 1.81
CA PHE A 113 -1.02 14.33 2.09
C PHE A 113 0.38 13.77 2.21
N TRP A 114 0.51 12.71 2.99
CA TRP A 114 1.79 12.05 3.18
C TRP A 114 1.94 10.95 2.14
N ASN A 115 3.13 10.88 1.54
CA ASN A 115 3.39 10.07 0.36
C ASN A 115 4.61 9.22 0.63
N GLU A 116 4.43 7.89 0.74
CA GLU A 116 5.53 6.95 0.76
C GLU A 116 5.89 6.66 -0.69
N LEU A 117 6.99 7.24 -1.15
CA LEU A 117 7.47 7.11 -2.52
C LEU A 117 8.60 6.10 -2.58
N SER A 118 8.46 5.12 -3.48
CA SER A 118 9.45 4.06 -3.67
C SER A 118 9.89 4.11 -5.11
N ILE A 119 11.17 4.39 -5.33
CA ILE A 119 11.74 4.52 -6.66
C ILE A 119 12.66 3.33 -6.92
N THR A 120 12.48 2.70 -8.07
CA THR A 120 13.26 1.56 -8.49
C THR A 120 13.92 1.89 -9.82
N PRO A 121 15.23 1.75 -9.95
CA PRO A 121 15.87 1.88 -11.25
C PRO A 121 15.66 0.60 -12.04
N VAL A 122 15.67 0.75 -13.35
CA VAL A 122 15.46 -0.36 -14.26
C VAL A 122 16.52 -0.28 -15.35
N PHE A 123 17.34 -1.32 -15.45
CA PHE A 123 18.35 -1.42 -16.49
C PHE A 123 17.88 -2.41 -17.53
N ASN A 124 18.33 -2.24 -18.76
CA ASN A 124 17.99 -3.26 -19.74
C ASN A 124 19.02 -4.37 -19.69
N ASP A 125 18.60 -5.56 -20.13
CA ASP A 125 19.50 -6.70 -20.21
C ASP A 125 20.57 -6.54 -21.28
N SER A 126 20.42 -5.56 -22.18
CA SER A 126 21.46 -5.23 -23.14
C SER A 126 22.34 -4.06 -22.72
N ASP A 127 21.99 -3.34 -21.65
CA ASP A 127 22.72 -2.12 -21.33
C ASP A 127 22.41 -1.69 -19.91
N GLN A 128 23.46 -1.33 -19.17
CA GLN A 128 23.27 -0.84 -17.79
C GLN A 128 23.03 0.67 -17.86
N LEU A 129 21.87 1.01 -18.42
CA LEU A 129 21.30 2.35 -18.44
C LEU A 129 19.90 2.26 -17.85
N THR A 130 19.29 3.40 -17.55
CA THR A 130 18.18 3.38 -16.61
C THR A 130 16.87 3.94 -17.13
N TYR A 131 15.83 3.50 -16.43
CA TYR A 131 14.47 4.04 -16.37
C TYR A 131 14.13 4.10 -14.89
N PHE A 132 13.26 5.01 -14.48
CA PHE A 132 12.90 5.05 -13.06
C PHE A 132 11.41 4.84 -12.88
N ILE A 133 11.07 3.93 -11.97
CA ILE A 133 9.69 3.60 -11.65
C ILE A 133 9.39 4.09 -10.24
N GLY A 134 8.34 4.87 -10.09
CA GLY A 134 7.92 5.41 -8.80
C GLY A 134 6.59 4.82 -8.37
N VAL A 135 6.45 4.58 -7.06
CA VAL A 135 5.23 4.05 -6.49
C VAL A 135 4.88 4.88 -5.26
N GLN A 136 3.68 5.43 -5.24
CA GLN A 136 3.22 6.35 -4.21
C GLN A 136 2.12 5.68 -3.39
N LYS A 137 2.32 5.64 -2.07
CA LYS A 137 1.35 5.08 -1.13
C LYS A 137 0.89 6.21 -0.21
N ASP A 138 -0.42 6.37 -0.07
CA ASP A 138 -0.98 7.41 0.78
C ASP A 138 -1.01 6.90 2.21
N VAL A 139 0.07 7.19 2.94
CA VAL A 139 0.24 6.77 4.33
C VAL A 139 -0.36 7.79 5.29
N SER A 140 -1.05 8.80 4.75
CA SER A 140 -1.60 9.88 5.57
C SER A 140 -2.34 9.36 6.79
N VAL A 141 -3.22 8.37 6.58
CA VAL A 141 -3.93 7.72 7.70
C VAL A 141 -2.92 7.22 8.73
N GLN A 142 -2.01 6.35 8.27
CA GLN A 142 -1.00 5.76 9.14
C GLN A 142 -0.18 6.82 9.85
N VAL A 143 0.24 7.87 9.13
CA VAL A 143 1.09 8.90 9.73
C VAL A 143 0.34 9.64 10.84
N LYS A 144 -0.90 10.05 10.57
CA LYS A 144 -1.71 10.69 11.60
C LYS A 144 -1.85 9.78 12.81
N ALA A 145 -2.07 8.48 12.57
CA ALA A 145 -2.16 7.52 13.66
C ALA A 145 -0.90 7.52 14.50
N GLN A 146 0.27 7.42 13.85
CA GLN A 146 1.54 7.41 14.56
C GLN A 146 1.76 8.68 15.38
N GLN A 147 1.49 9.84 14.77
CA GLN A 147 1.63 11.10 15.48
C GLN A 147 0.75 11.16 16.71
N ARG A 148 -0.54 10.86 16.53
CA ARG A 148 -1.47 10.79 17.66
C ARG A 148 -0.98 9.82 18.73
N LEU A 149 -0.47 8.66 18.29
CA LEU A 149 0.08 7.66 19.20
C LEU A 149 1.20 8.24 20.06
N LEU A 150 2.17 8.90 19.43
CA LEU A 150 3.28 9.51 20.16
C LEU A 150 2.77 10.54 21.16
N GLN A 151 1.87 11.42 20.71
CA GLN A 151 1.26 12.42 21.59
C GLN A 151 0.64 11.76 22.82
N LEU A 152 -0.17 10.72 22.60
CA LEU A 152 -0.85 10.05 23.71
C LEU A 152 0.13 9.36 24.64
N GLU A 153 1.19 8.74 24.09
CA GLU A 153 2.21 8.14 24.94
C GLU A 153 2.86 9.18 25.83
N GLN A 154 3.19 10.34 25.26
CA GLN A 154 3.70 11.45 26.06
C GLN A 154 2.75 11.78 27.21
N GLN A 155 1.46 11.96 26.89
CA GLN A 155 0.45 12.25 27.91
C GLN A 155 0.45 11.19 29.01
N LEU A 156 0.46 9.91 28.63
CA LEU A 156 0.44 8.81 29.60
C LEU A 156 1.66 8.88 30.52
N ALA A 157 2.85 9.04 29.93
CA ALA A 157 4.07 9.16 30.73
C ALA A 157 3.94 10.32 31.72
N GLU A 158 3.42 11.46 31.26
CA GLU A 158 3.22 12.62 32.12
C GLU A 158 2.38 12.27 33.34
N VAL A 159 1.17 11.73 33.09
CA VAL A 159 0.25 11.41 34.19
C VAL A 159 0.89 10.40 35.14
N GLN A 160 1.57 9.39 34.58
CA GLN A 160 2.18 8.36 35.42
C GLN A 160 3.28 8.92 36.30
N ALA A 161 4.07 9.87 35.76
CA ALA A 161 5.11 10.49 36.56
C ALA A 161 4.50 11.30 37.70
N GLU A 162 3.46 12.08 37.41
CA GLU A 162 2.86 12.89 38.47
C GLU A 162 2.23 11.99 39.54
N LEU A 163 1.57 10.91 39.12
CA LEU A 163 0.97 9.98 40.08
C LEU A 163 2.03 9.33 40.97
N ALA A 164 3.19 9.00 40.40
CA ALA A 164 4.28 8.45 41.22
C ALA A 164 4.77 9.48 42.23
N ALA A 165 4.97 10.73 41.78
CA ALA A 165 5.43 11.79 42.66
C ALA A 165 4.46 12.01 43.82
N LEU A 166 3.16 12.13 43.51
CA LEU A 166 2.14 12.26 44.55
C LEU A 166 2.15 11.05 45.49
N LYS A 167 2.26 9.85 44.92
CA LYS A 167 2.30 8.63 45.71
C LYS A 167 3.49 8.62 46.68
N ALA A 168 4.59 9.28 46.30
CA ALA A 168 5.74 9.38 47.19
C ALA A 168 5.42 10.13 48.47
N THR A 169 4.38 10.96 48.48
CA THR A 169 3.98 11.69 49.69
C THR A 169 2.82 11.00 50.41
N MET B 21 1.71 4.16 -24.75
CA MET B 21 2.88 4.45 -25.58
C MET B 21 4.16 3.91 -24.93
N ILE B 22 4.05 2.75 -24.26
CA ILE B 22 5.17 2.15 -23.54
C ILE B 22 5.24 0.66 -23.86
N ASN B 23 6.41 0.09 -23.59
CA ASN B 23 6.74 -1.27 -23.96
C ASN B 23 6.15 -2.29 -22.98
N ALA B 24 6.09 -3.55 -23.43
CA ALA B 24 5.46 -4.60 -22.63
C ALA B 24 6.33 -5.03 -21.44
N HIS B 25 7.60 -5.33 -21.68
CA HIS B 25 8.48 -5.66 -20.57
C HIS B 25 8.60 -4.50 -19.59
N LEU B 26 8.37 -3.27 -20.06
CA LEU B 26 8.26 -2.15 -19.14
C LEU B 26 7.08 -2.31 -18.19
N LEU B 27 5.92 -2.73 -18.72
CA LEU B 27 4.78 -3.02 -17.85
C LEU B 27 5.12 -4.12 -16.86
N GLN B 28 5.86 -5.13 -17.30
CA GLN B 28 6.23 -6.22 -16.39
C GLN B 28 7.14 -5.72 -15.27
N ARG B 29 8.14 -4.91 -15.61
CA ARG B 29 9.02 -4.34 -14.59
C ARG B 29 8.26 -3.38 -13.68
N MET B 30 7.16 -2.80 -14.18
CA MET B 30 6.29 -1.99 -13.32
C MET B 30 5.59 -2.86 -12.29
N ILE B 31 4.86 -3.87 -12.75
CA ILE B 31 4.09 -4.71 -11.84
C ILE B 31 5.00 -5.43 -10.85
N ASN B 32 6.24 -5.75 -11.25
CA ASN B 32 7.17 -6.37 -10.29
C ASN B 32 7.52 -5.40 -9.17
N ALA B 33 7.61 -4.10 -9.47
CA ALA B 33 7.99 -3.07 -8.51
C ALA B 33 6.89 -2.71 -7.52
N SER B 34 5.73 -3.34 -7.60
CA SER B 34 4.62 -3.02 -6.69
C SER B 34 4.91 -3.40 -5.25
N ASN B 35 4.46 -2.55 -4.32
CA ASN B 35 4.48 -2.90 -2.89
C ASN B 35 3.37 -3.89 -2.56
N ASP B 36 2.13 -3.58 -2.94
CA ASP B 36 1.02 -4.49 -2.75
C ASP B 36 1.09 -5.65 -3.74
N GLY B 37 0.58 -6.80 -3.30
CA GLY B 37 0.64 -7.99 -4.13
C GLY B 37 -0.47 -8.05 -5.17
N ILE B 38 -0.20 -8.71 -6.28
CA ILE B 38 -1.13 -8.79 -7.40
C ILE B 38 -1.25 -10.24 -7.86
N VAL B 39 -2.49 -10.68 -8.09
CA VAL B 39 -2.76 -12.03 -8.56
C VAL B 39 -3.77 -11.95 -9.72
N VAL B 40 -3.67 -12.90 -10.64
CA VAL B 40 -4.58 -13.00 -11.76
C VAL B 40 -5.09 -14.43 -11.82
N ALA B 41 -6.42 -14.58 -11.79
CA ALA B 41 -7.08 -15.88 -11.74
C ALA B 41 -8.15 -15.98 -12.82
N GLU B 42 -8.30 -17.18 -13.35
CA GLU B 42 -9.40 -17.51 -14.26
C GLU B 42 -10.49 -18.20 -13.45
N GLN B 43 -11.72 -17.72 -13.59
CA GLN B 43 -12.85 -18.30 -12.87
C GLN B 43 -13.17 -19.67 -13.48
N GLU B 44 -12.64 -20.72 -12.87
CA GLU B 44 -12.82 -22.09 -13.33
C GLU B 44 -13.65 -22.83 -12.30
N GLY B 45 -14.97 -22.85 -12.51
CA GLY B 45 -15.87 -23.60 -11.64
C GLY B 45 -16.23 -22.86 -10.36
N GLU B 46 -16.22 -23.58 -9.23
CA GLU B 46 -16.40 -22.92 -7.94
C GLU B 46 -15.15 -22.13 -7.53
N ASP B 47 -13.97 -22.69 -7.78
CA ASP B 47 -12.73 -22.03 -7.41
C ASP B 47 -12.37 -20.93 -8.41
N ASN B 48 -11.37 -20.12 -8.05
CA ASN B 48 -10.76 -19.16 -8.95
C ASN B 48 -9.27 -19.48 -9.02
N ILE B 49 -8.90 -20.28 -10.01
CA ILE B 49 -7.53 -20.77 -10.14
C ILE B 49 -6.65 -19.64 -10.69
N VAL B 50 -5.54 -19.37 -10.00
CA VAL B 50 -4.67 -18.24 -10.34
C VAL B 50 -3.70 -18.65 -11.44
N ILE B 51 -3.58 -17.81 -12.47
CA ILE B 51 -2.59 -18.07 -13.50
C ILE B 51 -1.36 -17.17 -13.36
N TYR B 52 -1.43 -16.14 -12.52
CA TYR B 52 -0.24 -15.31 -12.34
C TYR B 52 -0.18 -14.72 -10.95
N VAL B 53 1.05 -14.53 -10.47
CA VAL B 53 1.35 -13.89 -9.19
C VAL B 53 2.58 -13.01 -9.39
N ASN B 54 2.58 -11.83 -8.76
CA ASN B 54 3.73 -10.96 -8.85
C ASN B 54 4.64 -11.15 -7.64
N PRO B 55 5.90 -10.69 -7.71
CA PRO B 55 6.82 -10.91 -6.58
C PRO B 55 6.34 -10.35 -5.25
N ALA B 56 5.62 -9.22 -5.26
CA ALA B 56 5.10 -8.68 -4.00
C ALA B 56 4.21 -9.70 -3.29
N PHE B 57 3.47 -10.50 -4.05
CA PHE B 57 2.65 -11.55 -3.45
C PHE B 57 3.52 -12.58 -2.74
N GLU B 58 4.56 -13.07 -3.42
CA GLU B 58 5.50 -14.01 -2.80
C GLU B 58 6.05 -13.44 -1.51
N ARG B 59 6.44 -12.16 -1.54
CA ARG B 59 7.08 -11.56 -0.37
C ARG B 59 6.11 -11.42 0.79
N LEU B 60 4.88 -10.99 0.52
CA LEU B 60 3.92 -10.74 1.58
C LEU B 60 3.38 -12.04 2.18
N THR B 61 2.99 -13.00 1.33
CA THR B 61 2.38 -14.22 1.82
C THR B 61 3.40 -15.28 2.24
N GLY B 62 4.65 -15.19 1.78
CA GLY B 62 5.63 -16.21 2.07
C GLY B 62 5.49 -17.50 1.31
N TYR B 63 4.39 -17.70 0.57
CA TYR B 63 4.20 -18.92 -0.19
C TYR B 63 4.95 -18.87 -1.52
N SER B 64 5.49 -20.02 -1.91
CA SER B 64 6.27 -20.10 -3.14
C SER B 64 5.34 -20.01 -4.35
N ALA B 65 5.72 -19.16 -5.32
CA ALA B 65 4.89 -18.93 -6.49
C ALA B 65 4.55 -20.23 -7.22
N ASP B 66 5.51 -21.16 -7.28
CA ASP B 66 5.24 -22.43 -7.96
C ASP B 66 4.23 -23.28 -7.20
N GLU B 67 4.16 -23.13 -5.87
CA GLU B 67 3.18 -23.91 -5.09
C GLU B 67 1.76 -23.46 -5.38
N VAL B 68 1.56 -22.15 -5.53
CA VAL B 68 0.23 -21.55 -5.58
C VAL B 68 -0.46 -21.72 -6.94
N LEU B 69 0.31 -21.74 -8.04
CA LEU B 69 -0.22 -21.44 -9.37
C LEU B 69 -1.54 -22.10 -9.74
N TYR B 70 -1.60 -23.41 -9.93
CA TYR B 70 -2.86 -24.01 -10.39
C TYR B 70 -3.73 -24.44 -9.20
N GLN B 71 -4.00 -23.46 -8.33
CA GLN B 71 -4.88 -23.64 -7.18
C GLN B 71 -5.63 -22.33 -6.93
N ASP B 72 -6.53 -22.35 -5.95
CA ASP B 72 -7.28 -21.16 -5.55
C ASP B 72 -6.70 -20.58 -4.26
N CYS B 73 -6.88 -19.27 -4.09
CA CYS B 73 -6.28 -18.52 -2.98
C CYS B 73 -6.94 -18.79 -1.63
N ARG B 74 -8.04 -19.55 -1.59
CA ARG B 74 -8.71 -19.80 -0.31
C ARG B 74 -7.81 -20.47 0.72
N PHE B 75 -6.65 -20.98 0.31
CA PHE B 75 -5.75 -21.61 1.28
C PHE B 75 -5.19 -20.59 2.28
N LEU B 76 -5.25 -19.31 1.95
CA LEU B 76 -4.76 -18.30 2.88
C LEU B 76 -5.60 -18.21 4.16
N GLN B 77 -6.86 -18.64 4.13
CA GLN B 77 -7.67 -18.71 5.35
C GLN B 77 -7.51 -20.10 5.97
N SER B 78 -6.41 -20.27 6.71
CA SER B 78 -6.09 -21.57 7.31
C SER B 78 -7.03 -21.86 8.48
N GLY B 79 -8.32 -22.06 8.17
CA GLY B 79 -9.30 -22.40 9.16
C GLY B 79 -10.17 -21.23 9.62
N ASP B 80 -9.80 -20.01 9.25
CA ASP B 80 -10.54 -18.81 9.65
C ASP B 80 -11.54 -18.42 8.59
N ARG B 81 -12.18 -19.42 8.01
CA ARG B 81 -13.25 -19.37 7.01
C ARG B 81 -14.62 -18.87 7.60
N ASP B 82 -14.66 -18.37 8.84
CA ASP B 82 -15.85 -17.80 9.43
C ASP B 82 -15.86 -16.27 9.36
N GLN B 83 -14.84 -15.66 8.78
CA GLN B 83 -14.87 -14.23 8.53
C GLN B 83 -15.99 -13.89 7.56
N PRO B 84 -16.84 -12.91 7.86
CA PRO B 84 -18.04 -12.69 7.04
C PRO B 84 -17.76 -12.10 5.66
N GLY B 85 -16.66 -11.37 5.48
CA GLY B 85 -16.36 -10.79 4.18
C GLY B 85 -16.34 -11.81 3.06
N LEU B 86 -16.06 -13.08 3.39
CA LEU B 86 -16.07 -14.14 2.38
C LEU B 86 -17.40 -14.21 1.66
N GLU B 87 -18.51 -14.18 2.42
CA GLU B 87 -19.82 -14.23 1.78
C GLU B 87 -19.98 -13.07 0.79
N VAL B 88 -19.55 -11.87 1.20
CA VAL B 88 -19.57 -10.73 0.29
C VAL B 88 -18.85 -11.09 -1.00
N ILE B 89 -17.63 -11.58 -0.88
CA ILE B 89 -16.84 -11.94 -2.06
C ILE B 89 -17.58 -12.97 -2.91
N ARG B 90 -18.19 -13.96 -2.26
CA ARG B 90 -18.94 -14.96 -3.01
C ARG B 90 -19.97 -14.29 -3.89
N GLN B 91 -20.76 -13.39 -3.30
CA GLN B 91 -21.79 -12.69 -4.08
C GLN B 91 -21.13 -11.91 -5.21
N ALA B 92 -20.02 -11.23 -4.90
CA ALA B 92 -19.32 -10.45 -5.93
C ALA B 92 -18.81 -11.36 -7.04
N LEU B 93 -18.38 -12.57 -6.70
CA LEU B 93 -17.92 -13.49 -7.73
C LEU B 93 -19.08 -13.99 -8.59
N ARG B 94 -20.30 -14.06 -8.03
CA ARG B 94 -21.42 -14.59 -8.80
C ARG B 94 -21.85 -13.62 -9.90
N GLN B 95 -22.01 -12.34 -9.56
CA GLN B 95 -22.54 -11.35 -10.50
C GLN B 95 -21.47 -10.67 -11.35
N GLY B 96 -20.19 -11.00 -11.15
CA GLY B 96 -19.13 -10.39 -11.93
C GLY B 96 -18.85 -8.93 -11.61
N ARG B 97 -19.12 -8.51 -10.38
CA ARG B 97 -18.91 -7.14 -9.93
C ARG B 97 -17.67 -7.08 -9.03
N PRO B 98 -16.95 -5.96 -9.01
CA PRO B 98 -15.75 -5.86 -8.17
C PRO B 98 -16.11 -5.89 -6.70
N CYS B 99 -15.06 -5.94 -5.86
CA CYS B 99 -15.26 -6.06 -4.42
C CYS B 99 -13.98 -5.70 -3.70
N ARG B 100 -14.09 -5.42 -2.40
CA ARG B 100 -12.92 -5.21 -1.55
C ARG B 100 -13.29 -5.47 -0.09
N GLU B 101 -12.50 -6.32 0.57
CA GLU B 101 -12.75 -6.71 1.95
C GLU B 101 -11.43 -6.97 2.67
N VAL B 102 -11.46 -6.92 3.99
CA VAL B 102 -10.29 -7.17 4.82
C VAL B 102 -10.45 -8.51 5.51
N LEU B 103 -9.45 -9.37 5.36
CA LEU B 103 -9.45 -10.69 5.97
C LEU B 103 -8.19 -10.88 6.81
N ARG B 104 -8.22 -11.90 7.67
CA ARG B 104 -7.02 -12.32 8.40
C ARG B 104 -6.49 -13.56 7.70
N ASN B 105 -5.29 -13.46 7.13
CA ASN B 105 -4.68 -14.55 6.40
C ASN B 105 -3.43 -15.03 7.12
N TYR B 106 -2.92 -16.16 6.64
CA TYR B 106 -1.84 -16.86 7.32
C TYR B 106 -0.78 -17.27 6.31
N ARG B 107 0.47 -16.89 6.58
CA ARG B 107 1.56 -17.20 5.69
C ARG B 107 1.90 -18.68 5.76
N LYS B 108 2.95 -19.08 5.04
CA LYS B 108 3.43 -20.45 5.11
C LYS B 108 3.75 -20.84 6.54
N ASP B 109 4.53 -20.00 7.25
CA ASP B 109 4.86 -20.28 8.64
C ASP B 109 3.69 -20.03 9.61
N GLY B 110 2.49 -19.73 9.11
CA GLY B 110 1.32 -19.56 9.96
C GLY B 110 1.20 -18.24 10.66
N SER B 111 2.10 -17.29 10.40
CA SER B 111 1.99 -15.97 11.03
C SER B 111 0.74 -15.25 10.50
N HIS B 112 -0.11 -14.79 11.41
CA HIS B 112 -1.34 -14.10 11.03
C HIS B 112 -1.05 -12.67 10.61
N PHE B 113 -1.64 -12.25 9.49
CA PHE B 113 -1.50 -10.90 8.99
C PHE B 113 -2.82 -10.45 8.37
N TRP B 114 -3.07 -9.15 8.41
CA TRP B 114 -4.30 -8.56 7.91
C TRP B 114 -4.13 -8.18 6.45
N ASN B 115 -5.13 -8.52 5.64
CA ASN B 115 -5.06 -8.45 4.18
C ASN B 115 -6.26 -7.68 3.65
N GLU B 116 -6.01 -6.49 3.08
CA GLU B 116 -7.02 -5.75 2.32
C GLU B 116 -7.00 -6.26 0.88
N LEU B 117 -8.01 -7.04 0.51
CA LEU B 117 -8.10 -7.65 -0.81
C LEU B 117 -9.07 -6.85 -1.69
N SER B 118 -8.63 -6.53 -2.90
CA SER B 118 -9.40 -5.77 -3.88
C SER B 118 -9.48 -6.58 -5.16
N ILE B 119 -10.70 -6.98 -5.55
CA ILE B 119 -10.92 -7.81 -6.72
C ILE B 119 -11.65 -7.01 -7.80
N THR B 120 -11.10 -7.03 -9.01
CA THR B 120 -11.66 -6.38 -10.17
C THR B 120 -11.89 -7.40 -11.30
N PRO B 121 -13.08 -7.44 -11.88
CA PRO B 121 -13.29 -8.30 -13.05
C PRO B 121 -12.74 -7.68 -14.33
N VAL B 122 -12.39 -8.55 -15.28
CA VAL B 122 -11.83 -8.14 -16.56
C VAL B 122 -12.57 -8.88 -17.68
N PHE B 123 -13.20 -8.14 -18.57
CA PHE B 123 -13.94 -8.69 -19.70
C PHE B 123 -13.19 -8.51 -21.01
N ASN B 124 -13.52 -9.39 -21.95
CA ASN B 124 -13.01 -9.39 -23.31
C ASN B 124 -13.85 -8.44 -24.16
N ASP B 125 -13.41 -8.22 -25.41
CA ASP B 125 -14.21 -7.41 -26.31
C ASP B 125 -15.59 -8.03 -26.53
N SER B 126 -15.75 -9.29 -26.14
CA SER B 126 -17.06 -9.90 -25.93
C SER B 126 -17.31 -9.83 -24.43
N ASP B 127 -18.41 -9.19 -24.04
CA ASP B 127 -18.66 -8.85 -22.63
C ASP B 127 -18.56 -10.07 -21.71
N GLN B 128 -18.78 -11.27 -22.23
CA GLN B 128 -18.74 -12.49 -21.42
C GLN B 128 -17.33 -13.09 -21.36
N LEU B 129 -16.46 -12.44 -20.60
CA LEU B 129 -15.17 -13.02 -20.28
C LEU B 129 -14.99 -13.13 -18.78
N THR B 130 -14.05 -13.99 -18.40
CA THR B 130 -13.83 -14.43 -17.03
C THR B 130 -12.34 -14.24 -16.72
N TYR B 131 -11.98 -13.05 -16.25
CA TYR B 131 -10.70 -12.84 -15.59
C TYR B 131 -10.96 -12.07 -14.31
N PHE B 132 -10.21 -12.41 -13.26
CA PHE B 132 -10.30 -11.70 -11.99
C PHE B 132 -8.92 -11.28 -11.55
N ILE B 133 -8.77 -10.01 -11.18
CA ILE B 133 -7.51 -9.45 -10.71
C ILE B 133 -7.66 -9.14 -9.23
N GLY B 134 -6.75 -9.66 -8.41
CA GLY B 134 -6.76 -9.43 -6.98
C GLY B 134 -5.54 -8.62 -6.58
N VAL B 135 -5.73 -7.74 -5.60
CA VAL B 135 -4.69 -6.88 -5.07
C VAL B 135 -4.71 -6.97 -3.55
N GLN B 136 -3.58 -7.32 -2.95
CA GLN B 136 -3.48 -7.55 -1.52
C GLN B 136 -2.62 -6.47 -0.88
N LYS B 137 -3.17 -5.78 0.11
CA LYS B 137 -2.47 -4.72 0.83
C LYS B 137 -2.28 -5.14 2.28
N ASP B 138 -1.05 -5.02 2.77
CA ASP B 138 -0.71 -5.42 4.14
C ASP B 138 -1.03 -4.27 5.08
N VAL B 139 -2.25 -4.31 5.66
CA VAL B 139 -2.68 -3.29 6.60
C VAL B 139 -2.30 -3.62 8.03
N SER B 140 -1.60 -4.73 8.25
CA SER B 140 -1.29 -5.20 9.61
C SER B 140 -0.76 -4.08 10.48
N VAL B 141 0.24 -3.34 9.97
CA VAL B 141 0.84 -2.24 10.73
C VAL B 141 -0.26 -1.32 11.26
N GLN B 142 -1.05 -0.76 10.35
CA GLN B 142 -2.11 0.17 10.74
C GLN B 142 -3.01 -0.46 11.80
N VAL B 143 -3.40 -1.72 11.59
CA VAL B 143 -4.32 -2.37 12.50
C VAL B 143 -3.72 -2.41 13.90
N LYS B 144 -2.45 -2.85 14.00
CA LYS B 144 -1.82 -2.91 15.32
C LYS B 144 -1.85 -1.55 15.99
N ALA B 145 -1.56 -0.49 15.23
CA ALA B 145 -1.59 0.84 15.83
C ALA B 145 -2.94 1.10 16.46
N GLN B 146 -4.02 0.86 15.70
CA GLN B 146 -5.37 1.08 16.23
C GLN B 146 -5.57 0.27 17.50
N GLN B 147 -5.20 -1.01 17.46
CA GLN B 147 -5.34 -1.84 18.64
C GLN B 147 -4.54 -1.24 19.79
N ARG B 148 -3.24 -0.99 19.55
CA ARG B 148 -2.42 -0.36 20.58
C ARG B 148 -3.07 0.94 21.04
N LEU B 149 -3.54 1.74 20.08
CA LEU B 149 -4.17 3.01 20.42
C LEU B 149 -5.28 2.77 21.43
N LEU B 150 -6.21 1.88 21.10
CA LEU B 150 -7.31 1.61 22.03
C LEU B 150 -6.77 1.11 23.36
N GLN B 151 -5.88 0.10 23.32
CA GLN B 151 -5.29 -0.40 24.55
C GLN B 151 -4.63 0.73 25.31
N LEU B 152 -3.82 1.53 24.60
CA LEU B 152 -3.08 2.59 25.26
C LEU B 152 -4.04 3.61 25.86
N GLU B 153 -5.12 3.91 25.13
CA GLU B 153 -6.10 4.86 25.66
C GLU B 153 -6.66 4.35 26.96
N GLN B 154 -6.99 3.06 27.03
CA GLN B 154 -7.44 2.46 28.28
C GLN B 154 -6.46 2.76 29.39
N GLN B 155 -5.18 2.47 29.17
CA GLN B 155 -4.16 2.70 30.18
C GLN B 155 -4.23 4.12 30.70
N LEU B 156 -4.27 5.09 29.78
CA LEU B 156 -4.27 6.49 30.21
C LEU B 156 -5.47 6.75 31.12
N ALA B 157 -6.66 6.32 30.70
CA ALA B 157 -7.85 6.54 31.51
C ALA B 157 -7.63 6.01 32.93
N GLU B 158 -7.11 4.78 33.04
CA GLU B 158 -6.87 4.20 34.35
C GLU B 158 -6.05 5.15 35.21
N VAL B 159 -4.88 5.56 34.70
CA VAL B 159 -3.99 6.39 35.49
C VAL B 159 -4.70 7.68 35.87
N GLN B 160 -5.43 8.26 34.92
CA GLN B 160 -6.06 9.55 35.17
C GLN B 160 -7.08 9.44 36.29
N ALA B 161 -7.75 8.29 36.39
CA ALA B 161 -8.68 8.08 37.48
C ALA B 161 -7.96 8.05 38.82
N GLU B 162 -6.89 7.25 38.92
CA GLU B 162 -6.23 7.06 40.21
C GLU B 162 -5.63 8.36 40.71
N LEU B 163 -5.02 9.13 39.81
CA LEU B 163 -4.43 10.41 40.20
C LEU B 163 -5.49 11.34 40.77
N ALA B 164 -6.72 11.26 40.28
CA ALA B 164 -7.80 12.05 40.87
C ALA B 164 -8.09 11.59 42.29
N ALA B 165 -8.22 10.27 42.48
CA ALA B 165 -8.63 9.73 43.78
C ALA B 165 -7.67 10.18 44.88
N LEU B 166 -6.37 10.00 44.67
CA LEU B 166 -5.40 10.45 45.67
C LEU B 166 -5.55 11.94 45.94
N LYS B 167 -5.67 12.75 44.89
CA LYS B 167 -5.81 14.18 45.11
C LYS B 167 -7.10 14.50 45.87
N ALA B 168 -8.15 13.69 45.65
CA ALA B 168 -9.41 13.92 46.36
C ALA B 168 -9.25 13.74 47.86
N THR B 169 -8.26 12.96 48.30
CA THR B 169 -8.01 12.76 49.72
C THR B 169 -6.86 13.62 50.23
N SER B 170 -6.34 14.54 49.41
CA SER B 170 -5.26 15.42 49.81
C SER B 170 -5.72 16.84 50.11
N GLY B 171 -6.93 17.22 49.68
CA GLY B 171 -7.45 18.54 49.94
C GLY B 171 -8.86 18.74 49.40
#